data_5YC0
#
_entry.id   5YC0
#
_cell.length_a   34.091
_cell.length_b   53.259
_cell.length_c   59.344
_cell.angle_alpha   94.42
_cell.angle_beta   96.52
_cell.angle_gamma   90.02
#
_symmetry.space_group_name_H-M   'P 1'
#
loop_
_entity.id
_entity.type
_entity.pdbx_description
1 polymer 'Envelope glycoprotein'
2 polymer LP-46
3 water water
#
loop_
_entity_poly.entity_id
_entity_poly.type
_entity_poly.pdbx_seq_one_letter_code
_entity_poly.pdbx_strand_id
1 'polypeptide(L)' TVQARQLLSGIVQQQNNLLRAIEAQQHLLQLTVWGIKQLQARIL A,B,C,D,E,F
2 'polypeptide(L)' WQEWEQKITALLEQAQIQQEKNEYELQKLDK Q,W,P,H,I,G
#
# COMPACT_ATOMS: atom_id res chain seq x y z
N THR A 1 -13.06 14.25 27.92
CA THR A 1 -11.86 13.49 27.59
C THR A 1 -12.10 12.66 26.32
N VAL A 2 -12.75 13.28 25.34
CA VAL A 2 -13.12 12.55 24.13
C VAL A 2 -11.91 12.39 23.20
N GLN A 3 -11.05 13.40 23.12
CA GLN A 3 -9.92 13.35 22.20
C GLN A 3 -9.04 12.14 22.48
N ALA A 4 -8.50 12.05 23.70
CA ALA A 4 -7.61 10.94 24.04
C ALA A 4 -8.33 9.59 23.94
N ARG A 5 -9.63 9.57 24.23
CA ARG A 5 -10.35 8.31 24.26
C ARG A 5 -10.42 7.68 22.87
N GLN A 6 -10.82 8.47 21.87
CA GLN A 6 -10.96 7.91 20.52
C GLN A 6 -9.61 7.57 19.91
N LEU A 7 -8.54 8.29 20.29
CA LEU A 7 -7.21 7.94 19.82
C LEU A 7 -6.75 6.62 20.42
N LEU A 8 -6.94 6.43 21.73
CA LEU A 8 -6.61 5.16 22.36
C LEU A 8 -7.41 4.03 21.73
N SER A 9 -8.71 4.26 21.47
CA SER A 9 -9.52 3.26 20.81
C SER A 9 -8.97 2.93 19.43
N GLY A 10 -8.57 3.97 18.67
CA GLY A 10 -8.00 3.73 17.35
C GLY A 10 -6.71 2.93 17.41
N ILE A 11 -5.88 3.19 18.43
CA ILE A 11 -4.64 2.45 18.58
C ILE A 11 -4.92 0.99 18.92
N VAL A 12 -5.85 0.75 19.85
CA VAL A 12 -6.23 -0.63 20.18
C VAL A 12 -6.81 -1.33 18.96
N GLN A 13 -7.64 -0.63 18.19
CA GLN A 13 -8.19 -1.22 16.98
C GLN A 13 -7.08 -1.57 15.99
N GLN A 14 -6.10 -0.67 15.84
CA GLN A 14 -5.01 -0.93 14.91
C GLN A 14 -4.15 -2.10 15.37
N GLN A 15 -4.05 -2.33 16.68
CA GLN A 15 -3.33 -3.51 17.15
C GLN A 15 -4.08 -4.80 16.81
N ASN A 16 -5.42 -4.76 16.84
CA ASN A 16 -6.18 -5.91 16.40
C ASN A 16 -6.07 -6.09 14.89
N ASN A 17 -6.06 -5.00 14.13
CA ASN A 17 -5.90 -5.09 12.68
C ASN A 17 -4.57 -5.75 12.31
N LEU A 18 -3.49 -5.33 12.97
CA LEU A 18 -2.17 -5.89 12.67
C LEU A 18 -2.09 -7.34 13.10
N LEU A 19 -2.69 -7.67 14.25
CA LEU A 19 -2.69 -9.06 14.72
C LEU A 19 -3.44 -9.96 13.74
N ARG A 20 -4.61 -9.52 13.28
CA ARG A 20 -5.38 -10.31 12.33
C ARG A 20 -4.62 -10.48 11.01
N ALA A 21 -3.95 -9.42 10.55
CA ALA A 21 -3.14 -9.52 9.35
C ALA A 21 -2.01 -10.53 9.52
N ILE A 22 -1.36 -10.51 10.68
CA ILE A 22 -0.24 -11.41 10.92
C ILE A 22 -0.74 -12.85 11.06
N GLU A 23 -1.91 -13.04 11.64
CA GLU A 23 -2.48 -14.38 11.75
C GLU A 23 -2.84 -14.94 10.39
N ALA A 24 -3.43 -14.11 9.52
CA ALA A 24 -3.75 -14.56 8.17
C ALA A 24 -2.48 -14.86 7.38
N GLN A 25 -1.43 -14.07 7.59
CA GLN A 25 -0.15 -14.35 6.92
C GLN A 25 0.44 -15.65 7.41
N GLN A 26 0.30 -15.96 8.70
CA GLN A 26 0.81 -17.22 9.23
C GLN A 26 0.15 -18.41 8.55
N HIS A 27 -1.17 -18.36 8.36
CA HIS A 27 -1.85 -19.43 7.63
C HIS A 27 -1.24 -19.63 6.25
N LEU A 28 -1.09 -18.54 5.50
CA LEU A 28 -0.50 -18.65 4.17
C LEU A 28 0.93 -19.17 4.25
N LEU A 29 1.70 -18.68 5.24
CA LEU A 29 3.08 -19.13 5.37
C LEU A 29 3.15 -20.63 5.66
N GLN A 30 2.27 -21.14 6.52
CA GLN A 30 2.27 -22.56 6.81
C GLN A 30 1.88 -23.36 5.57
N LEU A 31 0.97 -22.84 4.76
CA LEU A 31 0.59 -23.53 3.53
C LEU A 31 1.78 -23.63 2.58
N THR A 32 2.63 -22.60 2.55
CA THR A 32 3.83 -22.67 1.72
C THR A 32 4.80 -23.70 2.26
N VAL A 33 4.97 -23.76 3.58
CA VAL A 33 5.79 -24.80 4.19
C VAL A 33 5.28 -26.18 3.78
N TRP A 34 3.96 -26.35 3.74
CA TRP A 34 3.39 -27.63 3.35
C TRP A 34 3.75 -27.97 1.90
N GLY A 35 3.55 -27.02 0.99
CA GLY A 35 3.91 -27.25 -0.40
C GLY A 35 5.37 -27.60 -0.56
N ILE A 36 6.24 -27.03 0.28
CA ILE A 36 7.66 -27.34 0.23
C ILE A 36 7.89 -28.82 0.52
N LYS A 37 7.43 -29.27 1.69
CA LYS A 37 7.72 -30.63 2.13
C LYS A 37 7.11 -31.66 1.19
N GLN A 38 6.01 -31.32 0.51
CA GLN A 38 5.44 -32.23 -0.48
C GLN A 38 6.31 -32.29 -1.73
N LEU A 39 6.83 -31.15 -2.17
CA LEU A 39 7.71 -31.16 -3.33
C LEU A 39 9.04 -31.86 -3.02
N GLN A 40 9.56 -31.67 -1.81
CA GLN A 40 10.82 -32.30 -1.44
C GLN A 40 10.74 -33.82 -1.50
N ALA A 41 9.55 -34.39 -1.42
CA ALA A 41 9.38 -35.84 -1.50
C ALA A 41 9.24 -36.32 -2.94
N ARG A 42 8.63 -35.53 -3.81
CA ARG A 42 8.44 -35.93 -5.21
C ARG A 42 9.67 -35.55 -6.02
N THR B 1 -7.62 7.62 34.78
CA THR B 1 -6.18 7.86 34.85
C THR B 1 -5.44 6.57 35.20
N VAL B 2 -5.85 5.93 36.30
CA VAL B 2 -5.27 4.63 36.65
C VAL B 2 -5.61 3.60 35.58
N GLN B 3 -6.83 3.67 35.03
CA GLN B 3 -7.20 2.78 33.94
C GLN B 3 -6.39 3.08 32.69
N ALA B 4 -6.18 4.36 32.38
CA ALA B 4 -5.46 4.73 31.18
C ALA B 4 -3.99 4.31 31.26
N ARG B 5 -3.40 4.36 32.45
CA ARG B 5 -2.01 3.94 32.61
C ARG B 5 -1.86 2.45 32.41
N GLN B 6 -2.81 1.66 32.90
CA GLN B 6 -2.75 0.21 32.68
C GLN B 6 -2.97 -0.12 31.20
N LEU B 7 -3.89 0.59 30.55
CA LEU B 7 -4.10 0.37 29.12
C LEU B 7 -2.86 0.71 28.32
N LEU B 8 -2.26 1.88 28.59
CA LEU B 8 -1.04 2.26 27.87
C LEU B 8 0.05 1.21 28.06
N SER B 9 0.14 0.62 29.25
CA SER B 9 1.13 -0.42 29.48
C SER B 9 0.82 -1.67 28.66
N GLY B 10 -0.47 -2.01 28.52
CA GLY B 10 -0.84 -3.14 27.69
C GLY B 10 -0.65 -2.86 26.21
N ILE B 11 -0.77 -1.59 25.81
CA ILE B 11 -0.56 -1.23 24.41
C ILE B 11 0.91 -1.39 24.03
N VAL B 12 1.81 -0.87 24.88
CA VAL B 12 3.24 -1.02 24.63
C VAL B 12 3.63 -2.50 24.65
N GLN B 13 3.03 -3.26 25.57
CA GLN B 13 3.26 -4.70 25.60
C GLN B 13 2.79 -5.35 24.29
N GLN B 14 1.58 -5.00 23.83
CA GLN B 14 1.09 -5.54 22.57
C GLN B 14 2.04 -5.24 21.42
N GLN B 15 2.54 -4.00 21.35
CA GLN B 15 3.50 -3.65 20.31
C GLN B 15 4.70 -4.59 20.34
N ASN B 16 5.14 -4.97 21.55
CA ASN B 16 6.27 -5.89 21.67
C ASN B 16 5.90 -7.29 21.20
N ASN B 17 4.68 -7.74 21.52
CA ASN B 17 4.24 -9.06 21.07
C ASN B 17 4.16 -9.12 19.55
N LEU B 18 3.58 -8.08 18.94
CA LEU B 18 3.45 -8.07 17.48
C LEU B 18 4.82 -8.02 16.81
N LEU B 19 5.71 -7.15 17.32
CA LEU B 19 7.05 -7.07 16.77
C LEU B 19 7.75 -8.44 16.79
N ARG B 20 7.71 -9.11 17.94
CA ARG B 20 8.36 -10.41 18.05
C ARG B 20 7.71 -11.45 17.13
N ALA B 21 6.40 -11.36 16.94
CA ALA B 21 5.73 -12.30 16.03
C ALA B 21 6.17 -12.07 14.59
N ILE B 22 6.31 -10.81 14.18
CA ILE B 22 6.76 -10.51 12.83
C ILE B 22 8.20 -10.96 12.64
N GLU B 23 9.05 -10.77 13.65
CA GLU B 23 10.44 -11.19 13.54
C GLU B 23 10.55 -12.70 13.39
N ALA B 24 9.80 -13.46 14.19
CA ALA B 24 9.80 -14.91 14.05
C ALA B 24 9.28 -15.32 12.69
N GLN B 25 8.19 -14.70 12.23
CA GLN B 25 7.68 -15.00 10.90
C GLN B 25 8.73 -14.74 9.82
N GLN B 26 9.57 -13.72 10.02
CA GLN B 26 10.58 -13.42 9.02
C GLN B 26 11.63 -14.51 8.94
N HIS B 27 11.97 -15.10 10.08
CA HIS B 27 12.92 -16.22 10.08
C HIS B 27 12.31 -17.43 9.39
N LEU B 28 11.05 -17.73 9.67
CA LEU B 28 10.38 -18.81 8.95
C LEU B 28 10.31 -18.51 7.45
N LEU B 29 9.95 -17.28 7.09
CA LEU B 29 9.88 -16.92 5.69
C LEU B 29 11.22 -17.10 5.00
N GLN B 30 12.32 -16.80 5.71
CA GLN B 30 13.64 -16.98 5.11
C GLN B 30 13.95 -18.46 4.89
N LEU B 31 13.52 -19.33 5.79
CA LEU B 31 13.73 -20.76 5.60
C LEU B 31 12.99 -21.26 4.36
N THR B 32 11.73 -20.83 4.18
CA THR B 32 10.99 -21.23 3.00
C THR B 32 11.64 -20.68 1.74
N VAL B 33 12.22 -19.48 1.84
CA VAL B 33 12.92 -18.89 0.72
C VAL B 33 14.02 -19.82 0.22
N TRP B 34 14.89 -20.28 1.12
CA TRP B 34 15.96 -21.19 0.72
C TRP B 34 15.42 -22.54 0.29
N GLY B 35 14.34 -23.01 0.92
CA GLY B 35 13.72 -24.26 0.50
C GLY B 35 13.26 -24.20 -0.94
N ILE B 36 12.75 -23.05 -1.37
CA ILE B 36 12.33 -22.88 -2.77
C ILE B 36 13.54 -22.88 -3.68
N LYS B 37 14.53 -22.05 -3.38
CA LYS B 37 15.70 -21.94 -4.26
C LYS B 37 16.37 -23.29 -4.45
N GLN B 38 16.43 -24.10 -3.40
CA GLN B 38 16.98 -25.45 -3.53
C GLN B 38 16.08 -26.32 -4.41
N LEU B 39 14.77 -26.25 -4.20
CA LEU B 39 13.84 -26.97 -5.07
C LEU B 39 13.96 -26.49 -6.51
N GLN B 40 14.12 -25.18 -6.70
CA GLN B 40 14.26 -24.64 -8.05
C GLN B 40 15.50 -25.22 -8.74
N ALA B 41 16.59 -25.39 -7.99
CA ALA B 41 17.78 -26.02 -8.56
C ALA B 41 17.53 -27.49 -8.86
N ARG B 42 16.81 -28.18 -7.98
CA ARG B 42 16.67 -29.62 -8.11
C ARG B 42 15.77 -30.03 -9.28
N ILE B 43 14.82 -29.19 -9.66
CA ILE B 43 13.87 -29.55 -10.70
C ILE B 43 13.90 -28.61 -11.91
N LEU B 44 14.41 -27.39 -11.79
CA LEU B 44 14.50 -26.50 -12.95
C LEU B 44 15.92 -26.49 -13.50
N THR C 1 0.77 16.92 29.93
CA THR C 1 0.86 15.63 29.26
C THR C 1 1.65 15.71 27.96
N VAL C 2 2.64 16.62 27.91
CA VAL C 2 3.60 16.57 26.82
C VAL C 2 4.26 15.20 26.77
N GLN C 3 4.53 14.62 27.95
CA GLN C 3 5.06 13.27 28.03
C GLN C 3 4.10 12.27 27.40
N ALA C 4 2.81 12.35 27.77
CA ALA C 4 1.84 11.39 27.27
C ALA C 4 1.67 11.51 25.76
N ARG C 5 1.67 12.75 25.24
CA ARG C 5 1.49 12.94 23.81
C ARG C 5 2.69 12.45 23.02
N GLN C 6 3.89 12.49 23.62
CA GLN C 6 5.06 11.93 22.96
C GLN C 6 5.00 10.40 22.92
N LEU C 7 4.58 9.77 24.02
CA LEU C 7 4.42 8.32 24.02
C LEU C 7 3.41 7.89 22.97
N LEU C 8 2.25 8.55 22.94
CA LEU C 8 1.24 8.21 21.93
C LEU C 8 1.78 8.38 20.52
N SER C 9 2.56 9.44 20.27
CA SER C 9 3.14 9.64 18.95
C SER C 9 4.13 8.52 18.61
N GLY C 10 4.91 8.08 19.60
CA GLY C 10 5.81 6.95 19.35
C GLY C 10 5.07 5.65 19.12
N ILE C 11 3.91 5.48 19.76
CA ILE C 11 3.10 4.29 19.53
C ILE C 11 2.55 4.30 18.11
N VAL C 12 1.90 5.41 17.71
CA VAL C 12 1.35 5.49 16.37
C VAL C 12 2.45 5.33 15.33
N GLN C 13 3.61 5.94 15.56
CA GLN C 13 4.73 5.79 14.64
C GLN C 13 5.18 4.33 14.57
N GLN C 14 5.23 3.65 15.71
CA GLN C 14 5.65 2.25 15.70
C GLN C 14 4.63 1.38 14.98
N GLN C 15 3.34 1.70 15.11
CA GLN C 15 2.33 0.95 14.38
C GLN C 15 2.48 1.14 12.87
N ASN C 16 2.96 2.31 12.43
CA ASN C 16 3.27 2.48 11.02
C ASN C 16 4.53 1.68 10.64
N ASN C 17 5.50 1.63 11.55
CA ASN C 17 6.65 0.74 11.35
C ASN C 17 6.18 -0.69 11.13
N LEU C 18 5.33 -1.20 12.02
CA LEU C 18 4.89 -2.58 11.94
C LEU C 18 4.05 -2.83 10.69
N LEU C 19 3.16 -1.91 10.35
CA LEU C 19 2.34 -2.07 9.15
C LEU C 19 3.21 -2.16 7.89
N ARG C 20 4.22 -1.30 7.79
CA ARG C 20 5.11 -1.35 6.63
C ARG C 20 5.90 -2.65 6.59
N ALA C 21 6.26 -3.19 7.76
CA ALA C 21 7.04 -4.43 7.80
C ALA C 21 6.22 -5.60 7.28
N ILE C 22 4.95 -5.69 7.70
CA ILE C 22 4.11 -6.80 7.26
C ILE C 22 3.65 -6.60 5.82
N GLU C 23 3.55 -5.35 5.35
CA GLU C 23 3.34 -5.14 3.92
C GLU C 23 4.52 -5.66 3.11
N ALA C 24 5.74 -5.40 3.57
CA ALA C 24 6.92 -5.93 2.89
C ALA C 24 6.98 -7.45 3.02
N GLN C 25 6.64 -7.99 4.19
CA GLN C 25 6.59 -9.43 4.35
C GLN C 25 5.59 -10.05 3.37
N GLN C 26 4.48 -9.37 3.12
CA GLN C 26 3.46 -9.93 2.23
C GLN C 26 3.96 -10.03 0.81
N HIS C 27 4.70 -9.00 0.35
CA HIS C 27 5.21 -9.03 -1.02
C HIS C 27 6.21 -10.16 -1.20
N LEU C 28 7.08 -10.39 -0.21
CA LEU C 28 7.99 -11.52 -0.27
C LEU C 28 7.23 -12.84 -0.16
N LEU C 29 6.23 -12.89 0.72
CA LEU C 29 5.43 -14.11 0.85
C LEU C 29 4.72 -14.45 -0.44
N GLN C 30 4.24 -13.44 -1.17
CA GLN C 30 3.59 -13.69 -2.45
C GLN C 30 4.54 -14.33 -3.45
N LEU C 31 5.81 -13.91 -3.43
CA LEU C 31 6.80 -14.52 -4.32
C LEU C 31 6.97 -16.01 -4.01
N THR C 32 7.03 -16.37 -2.73
CA THR C 32 7.24 -17.76 -2.37
C THR C 32 6.04 -18.62 -2.75
N VAL C 33 4.83 -18.06 -2.65
CA VAL C 33 3.65 -18.77 -3.14
C VAL C 33 3.79 -19.07 -4.63
N TRP C 34 4.14 -18.04 -5.42
CA TRP C 34 4.28 -18.22 -6.86
C TRP C 34 5.41 -19.18 -7.19
N GLY C 35 6.55 -19.05 -6.50
CA GLY C 35 7.64 -19.97 -6.74
C GLY C 35 7.23 -21.42 -6.53
N ILE C 36 6.58 -21.70 -5.41
CA ILE C 36 6.05 -23.04 -5.16
C ILE C 36 5.04 -23.41 -6.24
N LYS C 37 4.13 -22.49 -6.55
CA LYS C 37 3.15 -22.71 -7.61
C LYS C 37 3.84 -23.12 -8.91
N GLN C 38 4.98 -22.48 -9.22
CA GLN C 38 5.71 -22.85 -10.42
C GLN C 38 6.25 -24.27 -10.33
N LEU C 39 6.81 -24.64 -9.18
CA LEU C 39 7.42 -25.96 -9.03
C LEU C 39 6.37 -27.06 -9.09
N GLN C 40 5.25 -26.89 -8.38
CA GLN C 40 4.24 -27.94 -8.35
C GLN C 40 3.57 -28.14 -9.70
N ALA C 41 3.46 -27.08 -10.50
CA ALA C 41 2.97 -27.23 -11.86
C ALA C 41 3.92 -28.08 -12.70
N ARG C 42 5.19 -28.14 -12.34
CA ARG C 42 6.18 -28.91 -13.09
C ARG C 42 6.09 -30.39 -12.75
N ILE C 43 5.97 -30.73 -11.48
CA ILE C 43 5.93 -32.13 -11.05
C ILE C 43 4.61 -32.73 -11.49
N TRP D 1 14.49 -10.72 -3.79
CA TRP D 1 14.39 -11.61 -2.65
C TRP D 1 15.23 -11.11 -1.48
N GLN D 2 16.56 -11.07 -1.67
CA GLN D 2 17.45 -10.64 -0.60
C GLN D 2 17.20 -9.20 -0.19
N GLU D 3 16.82 -8.33 -1.14
CA GLU D 3 16.61 -6.93 -0.82
C GLU D 3 15.19 -6.63 -0.33
N TRP D 4 14.24 -7.54 -0.55
CA TRP D 4 12.99 -7.46 0.19
C TRP D 4 13.20 -7.93 1.63
N GLU D 5 14.14 -8.85 1.84
CA GLU D 5 14.57 -9.16 3.20
C GLU D 5 15.38 -8.02 3.80
N GLN D 6 16.10 -7.27 2.96
CA GLN D 6 16.81 -6.08 3.44
C GLN D 6 15.81 -4.99 3.82
N LYS D 7 14.78 -4.80 3.01
CA LYS D 7 13.72 -3.85 3.34
C LYS D 7 13.03 -4.22 4.65
N ILE D 8 12.70 -5.51 4.80
CA ILE D 8 11.97 -5.97 5.97
C ILE D 8 12.79 -5.79 7.23
N THR D 9 14.02 -6.33 7.23
CA THR D 9 14.87 -6.20 8.41
C THR D 9 15.00 -4.74 8.82
N ALA D 10 15.31 -3.86 7.87
CA ALA D 10 15.48 -2.44 8.18
C ALA D 10 14.25 -1.88 8.88
N LEU D 11 13.05 -2.30 8.45
CA LEU D 11 11.83 -1.83 9.10
C LEU D 11 11.70 -2.40 10.50
N LEU D 12 12.23 -3.60 10.73
CA LEU D 12 12.18 -4.18 12.06
C LEU D 12 13.26 -3.59 12.97
N GLU D 13 14.41 -3.22 12.40
CA GLU D 13 15.40 -2.46 13.18
C GLU D 13 14.76 -1.22 13.80
N GLN D 14 14.13 -0.40 12.97
CA GLN D 14 13.58 0.86 13.47
C GLN D 14 12.42 0.61 14.42
N ALA D 15 11.67 -0.48 14.24
CA ALA D 15 10.63 -0.82 15.19
C ALA D 15 11.21 -1.22 16.53
N GLN D 16 12.39 -1.85 16.52
CA GLN D 16 13.07 -2.19 17.77
C GLN D 16 13.54 -0.94 18.50
N ILE D 17 14.11 0.02 17.78
CA ILE D 17 14.51 1.28 18.40
C ILE D 17 13.30 1.97 19.02
N GLN D 18 12.21 2.04 18.27
CA GLN D 18 11.00 2.71 18.76
C GLN D 18 10.40 1.99 19.96
N GLN D 19 10.53 0.66 20.01
CA GLN D 19 10.01 -0.09 21.15
C GLN D 19 10.74 0.28 22.43
N GLU D 20 12.08 0.32 22.38
CA GLU D 20 12.87 0.71 23.54
C GLU D 20 12.50 2.13 23.99
N LYS D 21 12.34 3.05 23.03
CA LYS D 21 11.89 4.40 23.35
C LYS D 21 10.56 4.37 24.09
N ASN D 22 9.54 3.76 23.46
CA ASN D 22 8.20 3.79 24.03
C ASN D 22 8.18 3.19 25.43
N GLU D 23 8.98 2.16 25.67
CA GLU D 23 9.05 1.57 27.01
C GLU D 23 9.68 2.55 28.00
N TYR D 24 10.66 3.34 27.56
CA TYR D 24 11.23 4.35 28.44
C TYR D 24 10.20 5.43 28.77
N GLU D 25 9.55 5.97 27.75
CA GLU D 25 8.59 7.05 27.97
C GLU D 25 7.42 6.60 28.83
N LEU D 26 7.04 5.32 28.73
CA LEU D 26 5.99 4.78 29.57
C LEU D 26 6.40 4.77 31.03
N GLN D 27 7.61 4.30 31.32
CA GLN D 27 8.10 4.29 32.70
C GLN D 27 8.16 5.69 33.28
N LYS D 28 8.49 6.68 32.44
CA LYS D 28 8.55 8.06 32.92
C LYS D 28 7.19 8.59 33.30
N LEU D 29 6.13 8.12 32.63
CA LEU D 29 4.78 8.58 32.94
C LEU D 29 4.41 8.26 34.39
N TRP E 1 -5.91 -21.49 0.02
CA TRP E 1 -4.73 -20.77 -0.44
C TRP E 1 -5.12 -19.40 -0.98
N GLN E 2 -5.92 -19.39 -2.04
CA GLN E 2 -6.49 -18.14 -2.53
C GLN E 2 -7.25 -17.41 -1.43
N GLU E 3 -7.84 -18.16 -0.50
CA GLU E 3 -8.58 -17.56 0.60
C GLU E 3 -7.72 -16.58 1.37
N TRP E 4 -6.51 -16.99 1.74
CA TRP E 4 -5.70 -16.20 2.66
C TRP E 4 -5.10 -14.97 1.99
N GLU E 5 -4.67 -15.10 0.73
CA GLU E 5 -4.15 -13.94 0.01
C GLU E 5 -5.21 -12.85 -0.09
N GLN E 6 -6.46 -13.23 -0.36
CA GLN E 6 -7.52 -12.23 -0.47
C GLN E 6 -7.88 -11.66 0.89
N LYS E 7 -7.89 -12.50 1.93
CA LYS E 7 -8.14 -11.99 3.28
C LYS E 7 -7.05 -11.01 3.70
N ILE E 8 -5.80 -11.32 3.40
CA ILE E 8 -4.70 -10.43 3.76
C ILE E 8 -4.87 -9.07 3.08
N THR E 9 -5.30 -9.07 1.82
CA THR E 9 -5.49 -7.82 1.10
C THR E 9 -6.52 -6.93 1.80
N ALA E 10 -7.65 -7.53 2.21
CA ALA E 10 -8.66 -6.77 2.94
C ALA E 10 -8.11 -6.29 4.28
N LEU E 11 -7.34 -7.14 4.97
CA LEU E 11 -6.83 -6.79 6.28
C LEU E 11 -5.81 -5.66 6.20
N LEU E 12 -4.99 -5.64 5.14
CA LEU E 12 -4.02 -4.57 4.99
C LEU E 12 -4.69 -3.24 4.65
N GLU E 13 -5.75 -3.29 3.84
CA GLU E 13 -6.46 -2.06 3.50
C GLU E 13 -7.10 -1.44 4.75
N GLN E 14 -7.67 -2.28 5.62
CA GLN E 14 -8.27 -1.76 6.85
C GLN E 14 -7.22 -1.19 7.79
N ALA E 15 -6.04 -1.82 7.85
CA ALA E 15 -4.98 -1.30 8.71
C ALA E 15 -4.43 0.01 8.17
N GLN E 16 -4.37 0.16 6.84
CA GLN E 16 -3.93 1.43 6.26
C GLN E 16 -4.94 2.53 6.55
N ILE E 17 -6.23 2.21 6.49
CA ILE E 17 -7.26 3.20 6.78
C ILE E 17 -7.18 3.62 8.25
N GLN E 18 -7.05 2.64 9.16
CA GLN E 18 -6.97 2.97 10.57
C GLN E 18 -5.71 3.77 10.89
N GLN E 19 -4.60 3.45 10.21
CA GLN E 19 -3.37 4.19 10.43
C GLN E 19 -3.55 5.66 10.07
N GLU E 20 -4.20 5.93 8.93
CA GLU E 20 -4.50 7.31 8.54
C GLU E 20 -5.35 8.00 9.59
N LYS E 21 -6.39 7.31 10.09
CA LYS E 21 -7.27 7.91 11.09
C LYS E 21 -6.50 8.22 12.38
N ASN E 22 -5.68 7.28 12.84
CA ASN E 22 -4.93 7.51 14.08
C ASN E 22 -3.96 8.66 13.92
N GLU E 23 -3.32 8.78 12.76
CA GLU E 23 -2.38 9.86 12.54
C GLU E 23 -3.08 11.21 12.44
N TYR E 24 -4.30 11.23 11.90
CA TYR E 24 -5.10 12.46 11.93
C TYR E 24 -5.49 12.82 13.35
N GLU E 25 -5.96 11.84 14.12
CA GLU E 25 -6.32 12.09 15.52
C GLU E 25 -5.11 12.51 16.34
N LEU E 26 -3.95 11.94 16.03
CA LEU E 26 -2.73 12.33 16.75
C LEU E 26 -2.42 13.80 16.55
N GLN E 27 -2.52 14.29 15.32
CA GLN E 27 -2.15 15.67 15.04
C GLN E 27 -3.18 16.64 15.62
N LYS E 28 -4.47 16.29 15.55
CA LYS E 28 -5.49 17.15 16.14
C LYS E 28 -5.25 17.32 17.64
N LEU E 29 -4.92 16.23 18.33
CA LEU E 29 -4.57 16.29 19.74
C LEU E 29 -3.31 17.14 19.93
N TRP F 1 11.10 -24.76 9.94
CA TRP F 1 11.30 -25.79 10.95
C TRP F 1 10.17 -25.73 11.99
N GLN F 2 9.96 -26.83 12.70
CA GLN F 2 8.89 -26.90 13.68
C GLN F 2 9.00 -25.78 14.70
N GLU F 3 10.16 -25.67 15.35
CA GLU F 3 10.42 -24.66 16.38
C GLU F 3 9.90 -23.28 15.99
N TRP F 4 10.11 -22.88 14.74
CA TRP F 4 9.59 -21.59 14.30
C TRP F 4 8.08 -21.57 14.30
N GLU F 5 7.45 -22.66 13.86
CA GLU F 5 6.01 -22.82 14.06
C GLU F 5 5.67 -22.72 15.53
N GLN F 6 6.44 -23.40 16.38
CA GLN F 6 6.17 -23.40 17.82
C GLN F 6 6.26 -21.99 18.39
N LYS F 7 7.30 -21.24 18.03
CA LYS F 7 7.48 -19.90 18.57
C LYS F 7 6.38 -18.96 18.12
N ILE F 8 5.97 -19.05 16.84
CA ILE F 8 5.00 -18.10 16.30
C ILE F 8 3.63 -18.33 16.92
N THR F 9 3.19 -19.58 17.01
CA THR F 9 1.90 -19.86 17.62
C THR F 9 1.83 -19.36 19.06
N ALA F 10 2.94 -19.49 19.80
CA ALA F 10 2.97 -18.99 21.17
C ALA F 10 2.86 -17.47 21.20
N LEU F 11 3.59 -16.79 20.33
CA LEU F 11 3.53 -15.33 20.30
C LEU F 11 2.16 -14.83 19.88
N LEU F 12 1.54 -15.48 18.88
CA LEU F 12 0.20 -15.06 18.45
C LEU F 12 -0.82 -15.30 19.55
N GLU F 13 -0.76 -16.43 20.23
CA GLU F 13 -1.65 -16.68 21.35
C GLU F 13 -1.49 -15.61 22.43
N GLN F 14 -0.25 -15.26 22.75
CA GLN F 14 -0.01 -14.23 23.76
C GLN F 14 -0.50 -12.87 23.28
N ALA F 15 -0.31 -12.56 22.00
CA ALA F 15 -0.89 -11.33 21.45
C ALA F 15 -2.41 -11.36 21.53
N GLN F 16 -2.99 -12.54 21.35
CA GLN F 16 -4.45 -12.66 21.41
C GLN F 16 -4.96 -12.39 22.82
N ILE F 17 -4.29 -12.97 23.82
CA ILE F 17 -4.66 -12.71 25.22
C ILE F 17 -4.52 -11.22 25.53
N GLN F 18 -3.38 -10.64 25.17
CA GLN F 18 -3.15 -9.23 25.49
C GLN F 18 -4.16 -8.34 24.77
N GLN F 19 -4.54 -8.69 23.54
CA GLN F 19 -5.53 -7.90 22.82
C GLN F 19 -6.85 -7.87 23.57
N GLU F 20 -7.31 -9.03 24.05
CA GLU F 20 -8.53 -9.07 24.86
C GLU F 20 -8.37 -8.21 26.10
N LYS F 21 -7.25 -8.35 26.80
CA LYS F 21 -6.97 -7.54 27.97
C LYS F 21 -7.13 -6.04 27.65
N ASN F 22 -6.52 -5.60 26.55
CA ASN F 22 -6.52 -4.18 26.23
C ASN F 22 -7.92 -3.69 25.87
N GLU F 23 -8.67 -4.48 25.10
CA GLU F 23 -10.03 -4.08 24.75
C GLU F 23 -10.92 -4.04 25.98
N TYR F 24 -10.72 -5.00 26.90
CA TYR F 24 -11.46 -4.98 28.17
C TYR F 24 -11.12 -3.75 28.98
N GLU F 25 -9.84 -3.40 29.07
CA GLU F 25 -9.44 -2.21 29.81
C GLU F 25 -9.90 -0.94 29.10
N LEU F 26 -9.95 -0.95 27.77
CA LEU F 26 -10.48 0.19 27.04
C LEU F 26 -11.96 0.38 27.33
N GLN F 27 -12.74 -0.71 27.30
CA GLN F 27 -14.15 -0.62 27.66
C GLN F 27 -14.31 -0.07 29.07
N LYS F 28 -13.42 -0.45 29.98
CA LYS F 28 -13.50 0.02 31.36
C LYS F 28 -13.26 1.51 31.45
N LEU F 29 -12.26 2.01 30.73
CA LEU F 29 -12.00 3.45 30.69
C LEU F 29 -13.16 4.21 30.05
N ASP F 30 -13.81 3.61 29.05
CA ASP F 30 -14.97 4.25 28.44
C ASP F 30 -16.12 4.37 29.43
N LYS F 31 -16.60 3.24 29.94
CA LYS F 31 -17.72 3.24 30.86
C LYS F 31 -17.27 3.67 32.25
N THR G 1 13.11 -11.88 -29.59
CA THR G 1 11.90 -11.18 -29.19
C THR G 1 12.20 -9.87 -28.48
N VAL G 2 13.36 -9.27 -28.79
CA VAL G 2 13.71 -8.01 -28.16
C VAL G 2 12.85 -6.86 -28.64
N GLN G 3 12.16 -7.01 -29.77
CA GLN G 3 11.36 -5.92 -30.30
C GLN G 3 10.16 -5.61 -29.40
N ALA G 4 9.32 -6.62 -29.15
CA ALA G 4 8.16 -6.44 -28.30
C ALA G 4 8.53 -6.39 -26.83
N ARG G 5 9.56 -7.14 -26.43
CA ARG G 5 9.88 -7.28 -25.01
C ARG G 5 10.23 -5.93 -24.38
N GLN G 6 11.01 -5.11 -25.07
CA GLN G 6 11.47 -3.86 -24.48
C GLN G 6 10.31 -2.90 -24.25
N LEU G 7 9.36 -2.85 -25.18
CA LEU G 7 8.19 -2.00 -25.01
C LEU G 7 7.34 -2.46 -23.83
N LEU G 8 7.12 -3.77 -23.72
CA LEU G 8 6.35 -4.30 -22.59
C LEU G 8 7.04 -3.98 -21.27
N SER G 9 8.36 -4.16 -21.20
CA SER G 9 9.09 -3.79 -20.00
C SER G 9 8.91 -2.32 -19.67
N GLY G 10 8.91 -1.46 -20.69
CA GLY G 10 8.69 -0.05 -20.46
C GLY G 10 7.27 0.29 -20.05
N ILE G 11 6.29 -0.47 -20.57
CA ILE G 11 4.89 -0.24 -20.20
C ILE G 11 4.67 -0.63 -18.75
N VAL G 12 5.21 -1.76 -18.33
CA VAL G 12 5.08 -2.21 -16.94
C VAL G 12 5.81 -1.23 -16.01
N GLN G 13 6.98 -0.74 -16.43
CA GLN G 13 7.68 0.27 -15.65
C GLN G 13 6.85 1.54 -15.53
N GLN G 14 6.20 1.95 -16.62
CA GLN G 14 5.41 3.18 -16.59
C GLN G 14 4.19 3.04 -15.70
N GLN G 15 3.64 1.83 -15.58
CA GLN G 15 2.53 1.62 -14.66
C GLN G 15 2.99 1.76 -13.21
N ASN G 16 4.20 1.30 -12.91
CA ASN G 16 4.75 1.53 -11.58
C ASN G 16 5.02 3.01 -11.35
N ASN G 17 5.55 3.70 -12.35
CA ASN G 17 5.79 5.14 -12.23
C ASN G 17 4.50 5.89 -11.92
N LEU G 18 3.43 5.58 -12.67
CA LEU G 18 2.15 6.24 -12.45
C LEU G 18 1.58 5.89 -11.08
N LEU G 19 1.67 4.61 -10.69
CA LEU G 19 1.19 4.19 -9.38
C LEU G 19 1.92 4.91 -8.26
N ARG G 20 3.24 5.05 -8.39
CA ARG G 20 4.01 5.76 -7.37
C ARG G 20 3.61 7.23 -7.32
N ALA G 21 3.37 7.84 -8.48
CA ALA G 21 2.95 9.23 -8.53
C ALA G 21 1.60 9.42 -7.84
N ILE G 22 0.65 8.53 -8.12
CA ILE G 22 -0.69 8.66 -7.59
C ILE G 22 -0.70 8.42 -6.08
N GLU G 23 0.18 7.54 -5.59
CA GLU G 23 0.25 7.29 -4.16
C GLU G 23 0.84 8.49 -3.42
N ALA G 24 1.85 9.12 -4.01
CA ALA G 24 2.40 10.33 -3.41
C ALA G 24 1.35 11.44 -3.37
N GLN G 25 0.55 11.56 -4.43
CA GLN G 25 -0.52 12.55 -4.45
C GLN G 25 -1.57 12.25 -3.39
N GLN G 26 -1.85 10.97 -3.15
CA GLN G 26 -2.81 10.61 -2.11
C GLN G 26 -2.32 11.07 -0.75
N HIS G 27 -1.03 10.92 -0.47
CA HIS G 27 -0.47 11.46 0.77
C HIS G 27 -0.71 12.97 0.85
N LEU G 28 -0.42 13.68 -0.23
CA LEU G 28 -0.60 15.13 -0.23
C LEU G 28 -2.08 15.49 -0.11
N LEU G 29 -2.95 14.78 -0.83
CA LEU G 29 -4.38 15.03 -0.73
C LEU G 29 -4.88 14.82 0.70
N GLN G 30 -4.44 13.74 1.35
CA GLN G 30 -4.85 13.51 2.73
C GLN G 30 -4.42 14.63 3.64
N LEU G 31 -3.21 15.17 3.42
CA LEU G 31 -2.75 16.28 4.24
C LEU G 31 -3.60 17.53 4.04
N THR G 32 -4.13 17.75 2.84
CA THR G 32 -4.97 18.92 2.60
C THR G 32 -6.33 18.75 3.26
N VAL G 33 -6.86 17.53 3.27
CA VAL G 33 -8.09 17.24 4.01
C VAL G 33 -7.90 17.57 5.48
N TRP G 34 -6.80 17.09 6.07
CA TRP G 34 -6.52 17.41 7.47
C TRP G 34 -6.47 18.92 7.70
N GLY G 35 -5.80 19.65 6.81
CA GLY G 35 -5.73 21.10 6.96
C GLY G 35 -7.11 21.74 6.90
N ILE G 36 -7.96 21.29 5.98
CA ILE G 36 -9.33 21.78 5.90
C ILE G 36 -10.03 21.57 7.23
N LYS G 37 -9.98 20.34 7.75
CA LYS G 37 -10.72 20.00 8.96
C LYS G 37 -10.21 20.76 10.16
N GLN G 38 -8.90 21.01 10.23
CA GLN G 38 -8.36 21.79 11.34
C GLN G 38 -8.73 23.27 11.21
N LEU G 39 -8.75 23.79 9.99
CA LEU G 39 -9.23 25.16 9.78
C LEU G 39 -10.71 25.27 10.08
N GLN G 40 -11.51 24.28 9.63
CA GLN G 40 -12.93 24.26 9.98
C GLN G 40 -13.12 24.31 11.49
N ALA G 41 -12.37 23.48 12.22
CA ALA G 41 -12.45 23.48 13.67
C ALA G 41 -12.14 24.87 14.22
N ARG G 42 -11.03 25.46 13.79
CA ARG G 42 -10.66 26.81 14.19
C ARG G 42 -11.49 27.83 13.43
N THR H 1 3.23 -17.57 -25.61
CA THR H 1 2.24 -16.53 -25.83
C THR H 1 1.10 -16.62 -24.83
N VAL H 2 0.87 -17.84 -24.32
CA VAL H 2 -0.11 -18.01 -23.25
C VAL H 2 0.27 -17.17 -22.04
N GLN H 3 1.56 -17.16 -21.69
CA GLN H 3 2.01 -16.30 -20.60
C GLN H 3 2.07 -14.84 -21.05
N ALA H 4 2.24 -14.60 -22.36
CA ALA H 4 2.23 -13.22 -22.86
C ALA H 4 0.84 -12.62 -22.78
N ARG H 5 -0.19 -13.38 -23.16
CA ARG H 5 -1.56 -12.87 -23.06
C ARG H 5 -1.97 -12.67 -21.61
N GLN H 6 -1.50 -13.53 -20.70
CA GLN H 6 -1.77 -13.32 -19.28
C GLN H 6 -1.14 -12.01 -18.80
N LEU H 7 0.08 -11.72 -19.25
CA LEU H 7 0.71 -10.46 -18.89
C LEU H 7 -0.05 -9.28 -19.46
N LEU H 8 -0.37 -9.33 -20.76
CA LEU H 8 -1.13 -8.25 -21.37
C LEU H 8 -2.46 -8.04 -20.65
N SER H 9 -3.11 -9.13 -20.25
CA SER H 9 -4.36 -9.01 -19.51
C SER H 9 -4.15 -8.31 -18.17
N GLY H 10 -3.08 -8.66 -17.46
CA GLY H 10 -2.76 -7.96 -16.23
C GLY H 10 -2.38 -6.52 -16.45
N ILE H 11 -1.73 -6.22 -17.57
CA ILE H 11 -1.41 -4.83 -17.91
C ILE H 11 -2.68 -4.04 -18.15
N VAL H 12 -3.60 -4.60 -18.95
CA VAL H 12 -4.88 -3.92 -19.20
C VAL H 12 -5.65 -3.75 -17.90
N GLN H 13 -5.60 -4.75 -17.02
CA GLN H 13 -6.19 -4.61 -15.70
C GLN H 13 -5.56 -3.47 -14.94
N GLN H 14 -4.22 -3.41 -14.92
CA GLN H 14 -3.53 -2.35 -14.18
C GLN H 14 -3.94 -0.97 -14.67
N GLN H 15 -4.16 -0.82 -15.98
CA GLN H 15 -4.60 0.47 -16.50
C GLN H 15 -5.96 0.86 -15.93
N ASN H 16 -6.87 -0.09 -15.82
CA ASN H 16 -8.18 0.22 -15.25
C ASN H 16 -8.06 0.55 -13.77
N ASN H 17 -7.20 -0.16 -13.03
CA ASN H 17 -6.97 0.19 -11.63
C ASN H 17 -6.49 1.62 -11.50
N LEU H 18 -5.49 2.00 -12.30
CA LEU H 18 -4.96 3.36 -12.24
C LEU H 18 -6.03 4.37 -12.62
N LEU H 19 -6.76 4.11 -13.70
CA LEU H 19 -7.85 5.00 -14.12
C LEU H 19 -8.85 5.20 -12.99
N ARG H 20 -9.32 4.10 -12.40
CA ARG H 20 -10.29 4.20 -11.31
C ARG H 20 -9.70 4.95 -10.12
N ALA H 21 -8.42 4.72 -9.81
CA ALA H 21 -7.79 5.42 -8.70
C ALA H 21 -7.77 6.93 -8.95
N ILE H 22 -7.45 7.34 -10.17
CA ILE H 22 -7.36 8.76 -10.48
C ILE H 22 -8.75 9.40 -10.45
N GLU H 23 -9.77 8.68 -10.95
CA GLU H 23 -11.13 9.21 -10.91
C GLU H 23 -11.60 9.41 -9.48
N ALA H 24 -11.25 8.48 -8.58
CA ALA H 24 -11.64 8.62 -7.19
C ALA H 24 -10.92 9.78 -6.53
N GLN H 25 -9.61 9.92 -6.78
CA GLN H 25 -8.88 11.07 -6.28
C GLN H 25 -9.50 12.37 -6.77
N GLN H 26 -9.94 12.39 -8.03
CA GLN H 26 -10.56 13.58 -8.58
C GLN H 26 -11.79 13.99 -7.79
N HIS H 27 -12.64 13.01 -7.43
CA HIS H 27 -13.81 13.32 -6.61
C HIS H 27 -13.40 13.87 -5.25
N LEU H 28 -12.40 13.26 -4.63
CA LEU H 28 -11.91 13.79 -3.36
C LEU H 28 -11.31 15.18 -3.53
N LEU H 29 -10.52 15.38 -4.59
CA LEU H 29 -9.93 16.69 -4.81
C LEU H 29 -10.99 17.75 -5.04
N GLN H 30 -12.12 17.39 -5.64
CA GLN H 30 -13.19 18.38 -5.82
C GLN H 30 -13.85 18.70 -4.48
N LEU H 31 -13.98 17.72 -3.60
CA LEU H 31 -14.51 17.99 -2.27
C LEU H 31 -13.62 18.99 -1.52
N THR H 32 -12.30 18.81 -1.60
CA THR H 32 -11.39 19.70 -0.89
C THR H 32 -11.37 21.08 -1.51
N VAL H 33 -11.55 21.19 -2.83
CA VAL H 33 -11.59 22.49 -3.48
C VAL H 33 -12.71 23.34 -2.91
N TRP H 34 -13.92 22.79 -2.85
CA TRP H 34 -15.06 23.56 -2.35
C TRP H 34 -15.00 23.74 -0.83
N GLY H 35 -14.27 22.88 -0.13
CA GLY H 35 -13.95 23.19 1.26
C GLY H 35 -13.06 24.41 1.36
N ILE H 36 -12.05 24.50 0.48
CA ILE H 36 -11.26 25.72 0.37
C ILE H 36 -12.15 26.89 -0.04
N LYS H 37 -13.02 26.67 -1.03
CA LYS H 37 -13.75 27.78 -1.63
C LYS H 37 -14.63 28.49 -0.61
N GLN H 38 -15.28 27.72 0.27
CA GLN H 38 -16.07 28.34 1.34
C GLN H 38 -15.16 29.15 2.26
N LEU H 39 -14.00 28.60 2.62
CA LEU H 39 -13.12 29.27 3.57
C LEU H 39 -12.39 30.44 2.92
N GLN H 40 -12.01 30.31 1.65
CA GLN H 40 -11.26 31.40 1.01
C GLN H 40 -12.15 32.60 0.72
N ALA H 41 -13.43 32.36 0.45
CA ALA H 41 -14.39 33.43 0.18
C ALA H 41 -15.28 33.71 1.39
N ARG H 42 -14.68 33.69 2.58
CA ARG H 42 -15.43 33.94 3.81
C ARG H 42 -15.20 35.37 4.30
N THR I 1 -0.46 -9.84 -34.46
CA THR I 1 0.70 -9.14 -34.99
C THR I 1 0.35 -7.69 -35.29
N VAL I 2 -0.48 -7.45 -36.32
CA VAL I 2 -1.00 -6.11 -36.53
C VAL I 2 -1.97 -5.74 -35.42
N GLN I 3 -2.65 -6.75 -34.85
CA GLN I 3 -3.54 -6.53 -33.72
C GLN I 3 -2.76 -6.37 -32.43
N ALA I 4 -1.62 -7.05 -32.30
CA ALA I 4 -0.79 -6.90 -31.11
C ALA I 4 -0.21 -5.49 -31.04
N ARG I 5 0.30 -4.96 -32.15
CA ARG I 5 0.85 -3.61 -32.14
C ARG I 5 -0.22 -2.58 -31.86
N GLN I 6 -1.47 -2.85 -32.26
CA GLN I 6 -2.55 -1.90 -32.00
C GLN I 6 -2.91 -1.86 -30.52
N LEU I 7 -2.88 -3.00 -29.85
CA LEU I 7 -3.11 -3.02 -28.40
C LEU I 7 -1.99 -2.30 -27.66
N LEU I 8 -0.74 -2.63 -27.98
CA LEU I 8 0.39 -1.94 -27.38
C LEU I 8 0.29 -0.43 -27.62
N SER I 9 -0.07 -0.04 -28.84
CA SER I 9 -0.20 1.39 -29.14
C SER I 9 -1.31 2.02 -28.31
N GLY I 10 -2.44 1.32 -28.15
CA GLY I 10 -3.52 1.85 -27.32
C GLY I 10 -3.15 1.96 -25.86
N ILE I 11 -2.27 1.08 -25.38
CA ILE I 11 -1.83 1.15 -24.00
C ILE I 11 -0.90 2.34 -23.79
N VAL I 12 0.09 2.49 -24.66
CA VAL I 12 1.00 3.63 -24.56
C VAL I 12 0.23 4.94 -24.66
N GLN I 13 -0.77 5.00 -25.54
CA GLN I 13 -1.56 6.21 -25.70
C GLN I 13 -2.42 6.47 -24.48
N GLN I 14 -2.98 5.41 -23.88
CA GLN I 14 -3.77 5.58 -22.67
C GLN I 14 -2.89 6.04 -21.50
N GLN I 15 -1.67 5.51 -21.39
CA GLN I 15 -0.78 5.94 -20.33
C GLN I 15 -0.45 7.43 -20.45
N ASN I 16 -0.29 7.92 -21.68
CA ASN I 16 -0.05 9.35 -21.86
C ASN I 16 -1.22 10.17 -21.33
N ASN I 17 -2.45 9.68 -21.51
CA ASN I 17 -3.60 10.40 -20.99
C ASN I 17 -3.68 10.31 -19.48
N LEU I 18 -3.28 9.17 -18.90
CA LEU I 18 -3.25 9.07 -17.45
C LEU I 18 -2.18 9.99 -16.86
N LEU I 19 -1.01 10.08 -17.51
CA LEU I 19 0.02 11.00 -17.04
C LEU I 19 -0.46 12.44 -17.12
N ARG I 20 -1.09 12.82 -18.23
CA ARG I 20 -1.61 14.18 -18.37
C ARG I 20 -2.68 14.44 -17.33
N ALA I 21 -3.53 13.45 -17.05
CA ALA I 21 -4.58 13.62 -16.06
C ALA I 21 -4.00 13.89 -14.68
N ILE I 22 -2.96 13.15 -14.30
CA ILE I 22 -2.38 13.34 -12.97
C ILE I 22 -1.46 14.56 -12.93
N GLU I 23 -0.88 14.96 -14.08
CA GLU I 23 -0.21 16.25 -14.14
C GLU I 23 -1.20 17.39 -13.91
N ALA I 24 -2.40 17.28 -14.50
CA ALA I 24 -3.43 18.28 -14.26
C ALA I 24 -3.99 18.16 -12.85
N GLN I 25 -4.10 16.94 -12.33
CA GLN I 25 -4.42 16.75 -10.92
C GLN I 25 -3.46 17.53 -10.03
N GLN I 26 -2.16 17.38 -10.31
CA GLN I 26 -1.15 17.99 -9.44
C GLN I 26 -1.24 19.51 -9.45
N HIS I 27 -1.60 20.09 -10.59
CA HIS I 27 -1.68 21.55 -10.66
CA HIS I 27 -1.70 21.55 -10.68
C HIS I 27 -2.82 22.06 -9.79
N LEU I 28 -3.98 21.40 -9.85
CA LEU I 28 -5.11 21.81 -9.00
C LEU I 28 -4.81 21.52 -7.54
N LEU I 29 -4.13 20.40 -7.26
CA LEU I 29 -3.77 20.06 -5.88
C LEU I 29 -2.84 21.11 -5.30
N GLN I 30 -1.87 21.59 -6.08
CA GLN I 30 -0.97 22.63 -5.61
C GLN I 30 -1.72 23.87 -5.19
N LEU I 31 -2.76 24.25 -5.96
CA LEU I 31 -3.57 25.40 -5.60
C LEU I 31 -4.21 25.24 -4.23
N THR I 32 -4.74 24.05 -3.94
CA THR I 32 -5.42 23.83 -2.67
C THR I 32 -4.45 23.76 -1.51
N VAL I 33 -3.20 23.34 -1.76
CA VAL I 33 -2.17 23.42 -0.73
C VAL I 33 -1.87 24.88 -0.41
N TRP I 34 -1.72 25.70 -1.45
CA TRP I 34 -1.46 27.12 -1.24
C TRP I 34 -2.66 27.82 -0.61
N GLY I 35 -3.88 27.44 -1.02
CA GLY I 35 -5.06 27.98 -0.38
C GLY I 35 -5.11 27.65 1.10
N ILE I 36 -4.93 26.38 1.44
CA ILE I 36 -4.78 26.00 2.85
C ILE I 36 -3.70 26.87 3.50
N LYS I 37 -2.53 26.92 2.87
CA LYS I 37 -1.41 27.68 3.42
C LYS I 37 -1.80 29.13 3.70
N GLN I 38 -2.53 29.76 2.78
CA GLN I 38 -2.88 31.16 2.96
C GLN I 38 -3.88 31.34 4.10
N LEU I 39 -4.88 30.46 4.17
CA LEU I 39 -5.92 30.61 5.18
C LEU I 39 -5.38 30.32 6.58
N GLN I 40 -4.47 29.35 6.70
CA GLN I 40 -3.98 28.98 8.02
C GLN I 40 -3.05 30.03 8.60
N ALA I 41 -2.31 30.74 7.74
CA ALA I 41 -1.52 31.87 8.19
C ALA I 41 -2.38 33.06 8.59
N ARG I 42 -3.69 32.96 8.41
CA ARG I 42 -4.64 33.98 8.84
C ARG I 42 -5.18 33.70 10.24
N ILE I 43 -5.23 32.43 10.63
CA ILE I 43 -5.80 32.03 11.91
C ILE I 43 -4.80 32.29 13.03
N GLU J 3 -11.35 25.75 -14.76
CA GLU J 3 -11.41 24.90 -15.95
C GLU J 3 -10.36 23.79 -15.91
N TRP J 4 -9.65 23.68 -14.79
CA TRP J 4 -8.74 22.55 -14.63
CA TRP J 4 -8.74 22.55 -14.61
C TRP J 4 -9.52 21.26 -14.36
N GLU J 5 -10.64 21.37 -13.67
CA GLU J 5 -11.48 20.19 -13.45
CA GLU J 5 -11.52 20.22 -13.45
C GLU J 5 -12.07 19.69 -14.77
N GLN J 6 -12.37 20.60 -15.71
CA GLN J 6 -12.88 20.16 -17.01
C GLN J 6 -11.75 19.58 -17.86
N LYS J 7 -10.53 20.10 -17.70
CA LYS J 7 -9.36 19.51 -18.35
C LYS J 7 -9.14 18.08 -17.86
N ILE J 8 -9.15 17.89 -16.54
CA ILE J 8 -8.92 16.57 -15.95
C ILE J 8 -9.99 15.60 -16.41
N THR J 9 -11.27 15.99 -16.27
CA THR J 9 -12.35 15.13 -16.71
C THR J 9 -12.14 14.71 -18.16
N ALA J 10 -11.95 15.68 -19.06
CA ALA J 10 -11.80 15.39 -20.47
C ALA J 10 -10.71 14.35 -20.71
N LEU J 11 -9.59 14.46 -19.99
CA LEU J 11 -8.52 13.48 -20.15
C LEU J 11 -8.94 12.11 -19.64
N LEU J 12 -9.72 12.07 -18.57
CA LEU J 12 -10.22 10.80 -18.06
C LEU J 12 -11.33 10.24 -18.94
N GLU J 13 -12.13 11.11 -19.57
CA GLU J 13 -13.08 10.64 -20.57
C GLU J 13 -12.37 9.80 -21.63
N GLN J 14 -11.29 10.34 -22.21
CA GLN J 14 -10.65 9.66 -23.33
C GLN J 14 -9.89 8.43 -22.86
N ALA J 15 -9.37 8.44 -21.63
CA ALA J 15 -8.78 7.22 -21.09
C ALA J 15 -9.84 6.14 -20.91
N GLN J 16 -11.07 6.52 -20.59
CA GLN J 16 -12.15 5.55 -20.47
C GLN J 16 -12.49 4.94 -21.82
N ILE J 17 -12.52 5.76 -22.87
CA ILE J 17 -12.73 5.24 -24.22
C ILE J 17 -11.62 4.27 -24.59
N GLN J 18 -10.37 4.66 -24.32
CA GLN J 18 -9.23 3.81 -24.66
C GLN J 18 -9.23 2.51 -23.87
N GLN J 19 -9.69 2.55 -22.61
CA GLN J 19 -9.79 1.32 -21.82
C GLN J 19 -10.71 0.32 -22.50
N GLU J 20 -11.88 0.77 -22.97
CA GLU J 20 -12.81 -0.11 -23.65
C GLU J 20 -12.20 -0.66 -24.93
N LYS J 21 -11.51 0.18 -25.70
CA LYS J 21 -10.81 -0.29 -26.89
C LYS J 21 -9.79 -1.36 -26.55
N ASN J 22 -8.93 -1.08 -25.57
CA ASN J 22 -7.84 -2.01 -25.25
C ASN J 22 -8.38 -3.36 -24.81
N GLU J 23 -9.48 -3.36 -24.05
CA GLU J 23 -10.07 -4.63 -23.65
C GLU J 23 -10.61 -5.39 -24.85
N TYR J 24 -11.22 -4.69 -25.81
CA TYR J 24 -11.63 -5.36 -27.04
C TYR J 24 -10.44 -5.96 -27.76
N GLU J 25 -9.36 -5.18 -27.93
CA GLU J 25 -8.21 -5.66 -28.66
C GLU J 25 -7.54 -6.83 -27.95
N LEU J 26 -7.56 -6.84 -26.61
CA LEU J 26 -7.03 -7.98 -25.87
C LEU J 26 -7.84 -9.24 -26.18
N GLN J 27 -9.16 -9.14 -26.11
CA GLN J 27 -10.00 -10.30 -26.42
C GLN J 27 -9.74 -10.81 -27.83
N LYS J 28 -9.53 -9.90 -28.78
CA LYS J 28 -9.18 -10.31 -30.13
C LYS J 28 -7.93 -11.18 -30.11
N LEU J 29 -6.92 -10.78 -29.35
CA LEU J 29 -5.69 -11.57 -29.27
C LEU J 29 -5.97 -12.94 -28.64
N ASP J 30 -6.80 -12.98 -27.60
CA ASP J 30 -7.14 -14.23 -26.95
C ASP J 30 -7.86 -15.17 -27.91
N TRP K 1 4.00 17.86 3.96
CA TRP K 1 3.73 19.00 3.09
C TRP K 1 4.79 19.10 1.99
N GLN K 2 5.92 19.73 2.30
CA GLN K 2 6.96 19.94 1.31
C GLN K 2 7.57 18.63 0.84
N GLU K 3 7.60 17.61 1.72
CA GLU K 3 8.16 16.32 1.33
C GLU K 3 7.43 15.74 0.13
N TRP K 4 6.09 15.74 0.18
CA TRP K 4 5.32 15.05 -0.86
C TRP K 4 5.27 15.85 -2.15
N GLU K 5 5.20 17.17 -2.07
CA GLU K 5 5.22 17.99 -3.28
C GLU K 5 6.52 17.78 -4.06
N GLN K 6 7.65 17.68 -3.37
CA GLN K 6 8.92 17.48 -4.06
C GLN K 6 9.02 16.06 -4.62
N LYS K 7 8.59 15.05 -3.85
CA LYS K 7 8.60 13.69 -4.37
C LYS K 7 7.74 13.58 -5.62
N ILE K 8 6.56 14.20 -5.61
CA ILE K 8 5.69 14.17 -6.77
C ILE K 8 6.38 14.74 -7.99
N THR K 9 7.13 15.83 -7.80
CA THR K 9 7.84 16.44 -8.92
C THR K 9 8.83 15.46 -9.55
N ALA K 10 9.60 14.76 -8.72
CA ALA K 10 10.55 13.78 -9.24
C ALA K 10 9.84 12.63 -9.92
N LEU K 11 8.72 12.17 -9.35
CA LEU K 11 7.98 11.06 -9.94
C LEU K 11 7.35 11.45 -11.27
N LEU K 12 6.90 12.71 -11.41
CA LEU K 12 6.32 13.14 -12.68
C LEU K 12 7.37 13.24 -13.76
N GLU K 13 8.57 13.71 -13.40
CA GLU K 13 9.65 13.79 -14.37
C GLU K 13 10.06 12.41 -14.86
N GLN K 14 10.15 11.44 -13.96
CA GLN K 14 10.50 10.08 -14.37
C GLN K 14 9.42 9.47 -15.25
N ALA K 15 8.15 9.79 -15.01
CA ALA K 15 7.07 9.26 -15.83
C ALA K 15 7.07 9.90 -17.22
N GLN K 16 7.39 11.19 -17.30
CA GLN K 16 7.53 11.85 -18.59
C GLN K 16 8.69 11.25 -19.38
N ILE K 17 9.80 10.96 -18.71
CA ILE K 17 10.93 10.33 -19.36
C ILE K 17 10.54 8.96 -19.90
N GLN K 18 9.93 8.13 -19.05
CA GLN K 18 9.53 6.80 -19.48
C GLN K 18 8.52 6.87 -20.61
N GLN K 19 7.57 7.81 -20.53
CA GLN K 19 6.58 7.96 -21.60
C GLN K 19 7.26 8.23 -22.94
N GLU K 20 8.24 9.13 -22.95
CA GLU K 20 8.99 9.40 -24.18
C GLU K 20 9.70 8.15 -24.68
N LYS K 21 10.31 7.40 -23.76
CA LYS K 21 10.98 6.16 -24.15
C LYS K 21 10.00 5.15 -24.74
N ASN K 22 8.83 4.99 -24.10
CA ASN K 22 7.86 4.02 -24.60
C ASN K 22 7.34 4.43 -25.98
N GLU K 23 7.11 5.73 -26.18
CA GLU K 23 6.65 6.20 -27.49
C GLU K 23 7.73 6.05 -28.55
N TYR K 24 9.00 6.20 -28.17
CA TYR K 24 10.08 5.91 -29.10
C TYR K 24 10.10 4.43 -29.48
N GLU K 25 10.06 3.55 -28.48
CA GLU K 25 10.09 2.12 -28.75
C GLU K 25 8.89 1.68 -29.57
N LEU K 26 7.73 2.30 -29.34
CA LEU K 26 6.55 1.97 -30.12
C LEU K 26 6.76 2.29 -31.60
N GLN K 27 7.20 3.51 -31.90
CA GLN K 27 7.41 3.90 -33.29
C GLN K 27 8.49 3.05 -33.95
N LYS K 28 9.55 2.72 -33.21
CA LYS K 28 10.59 1.85 -33.77
C LYS K 28 10.03 0.46 -34.04
N LEU K 29 9.19 -0.04 -33.14
CA LEU K 29 8.49 -1.31 -33.35
C LEU K 29 7.42 -1.14 -34.43
N TRP L 1 -14.49 13.11 1.91
CA TRP L 1 -15.21 12.24 2.82
C TRP L 1 -14.35 11.06 3.26
N GLN L 2 -14.76 10.42 4.36
CA GLN L 2 -14.17 9.13 4.71
C GLN L 2 -14.30 8.14 3.56
N GLU L 3 -15.48 8.10 2.93
CA GLU L 3 -15.75 7.08 1.91
C GLU L 3 -14.73 7.15 0.78
N TRP L 4 -14.38 8.35 0.32
CA TRP L 4 -13.41 8.47 -0.76
C TRP L 4 -12.03 7.99 -0.30
N GLU L 5 -11.66 8.27 0.95
CA GLU L 5 -10.44 7.70 1.50
C GLU L 5 -10.48 6.18 1.41
N GLN L 6 -11.61 5.57 1.81
CA GLN L 6 -11.71 4.12 1.81
C GLN L 6 -11.60 3.56 0.39
N LYS L 7 -12.26 4.21 -0.56
CA LYS L 7 -12.26 3.70 -1.93
C LYS L 7 -10.88 3.80 -2.56
N ILE L 8 -10.18 4.91 -2.35
CA ILE L 8 -8.87 5.12 -2.98
C ILE L 8 -7.86 4.12 -2.43
N THR L 9 -7.81 3.96 -1.11
CA THR L 9 -6.84 3.04 -0.53
CA THR L 9 -6.85 3.03 -0.51
C THR L 9 -7.05 1.62 -1.04
N ALA L 10 -8.30 1.22 -1.25
CA ALA L 10 -8.57 -0.10 -1.80
C ALA L 10 -8.03 -0.22 -3.21
N LEU L 11 -8.29 0.79 -4.05
CA LEU L 11 -7.81 0.75 -5.42
C LEU L 11 -6.29 0.75 -5.49
N LEU L 12 -5.64 1.55 -4.64
CA LEU L 12 -4.18 1.59 -4.66
C LEU L 12 -3.60 0.26 -4.19
N GLU L 13 -4.19 -0.36 -3.16
CA GLU L 13 -3.72 -1.67 -2.72
C GLU L 13 -3.88 -2.71 -3.83
N GLN L 14 -5.03 -2.70 -4.51
CA GLN L 14 -5.23 -3.62 -5.63
C GLN L 14 -4.23 -3.35 -6.75
N ALA L 15 -3.93 -2.08 -7.00
CA ALA L 15 -2.94 -1.73 -8.02
C ALA L 15 -1.55 -2.21 -7.62
N GLN L 16 -1.20 -2.10 -6.34
CA GLN L 16 0.09 -2.58 -5.88
CA GLN L 16 0.09 -2.59 -5.87
C GLN L 16 0.21 -4.09 -6.05
N ILE L 17 -0.85 -4.83 -5.71
CA ILE L 17 -0.83 -6.28 -5.90
C ILE L 17 -0.68 -6.61 -7.37
N GLN L 18 -1.51 -5.99 -8.23
CA GLN L 18 -1.43 -6.26 -9.65
C GLN L 18 -0.06 -5.88 -10.22
N GLN L 19 0.53 -4.80 -9.72
CA GLN L 19 1.86 -4.41 -10.19
C GLN L 19 2.87 -5.51 -9.90
N GLU L 20 2.82 -6.07 -8.69
CA GLU L 20 3.71 -7.19 -8.36
C GLU L 20 3.46 -8.36 -9.28
N LYS L 21 2.18 -8.67 -9.56
CA LYS L 21 1.86 -9.76 -10.48
C LYS L 21 2.49 -9.51 -11.85
N ASN L 22 2.33 -8.30 -12.37
CA ASN L 22 2.77 -8.01 -13.74
C ASN L 22 4.28 -8.06 -13.86
N GLU L 23 5.01 -7.52 -12.89
CA GLU L 23 6.46 -7.56 -12.95
C GLU L 23 6.97 -9.00 -12.81
N TYR L 24 6.34 -9.79 -11.96
CA TYR L 24 6.73 -11.19 -11.82
C TYR L 24 6.53 -11.95 -13.12
N GLU L 25 5.37 -11.75 -13.77
CA GLU L 25 5.10 -12.42 -15.04
C GLU L 25 6.03 -11.92 -16.13
N LEU L 26 6.30 -10.61 -16.15
CA LEU L 26 7.27 -10.06 -17.10
C LEU L 26 8.62 -10.72 -16.94
N GLN L 27 9.09 -10.86 -15.70
CA GLN L 27 10.35 -11.55 -15.45
C GLN L 27 10.29 -12.99 -15.94
N LYS L 28 9.17 -13.67 -15.69
CA LYS L 28 9.00 -15.04 -16.16
C LYS L 28 9.06 -15.10 -17.68
N LEU L 29 8.49 -14.10 -18.36
CA LEU L 29 8.58 -14.05 -19.81
C LEU L 29 10.01 -13.81 -20.27
N ASP L 30 10.76 -12.98 -19.53
CA ASP L 30 12.16 -12.74 -19.83
C ASP L 30 12.97 -14.02 -19.68
N LYS L 31 13.17 -14.47 -18.44
CA LYS L 31 13.95 -15.66 -18.17
C LYS L 31 13.20 -16.91 -18.63
#